data_6DIV
#
_entry.id   6DIV
#
_cell.length_a   55.496
_cell.length_b   58.734
_cell.length_c   60.019
_cell.angle_alpha   90.00
_cell.angle_beta   90.00
_cell.angle_gamma   90.00
#
_symmetry.space_group_name_H-M   'P 21 21 21'
#
loop_
_entity.id
_entity.type
_entity.pdbx_description
1 polymer 'NS3 protease'
2 non-polymer '(2R,6S,12Z,13aS,14aR,16aS)-6-[(N-acetyl-3-methyl-L-valyl)amino]-2-[(7-methoxy-3-methylquinoxalin-2-yl)oxy]-N-[(1-methyl cyclopropyl)sulfonyl]-5,16-dioxo-1,2,3,6,7,8,9,10,11,13a,14,15,16,16a-tetradecahydrocyclopropa[e]pyrrolo[1,2-a][1,4]diaz acyclopentadecine-14a(5H)-carboxamide'
3 non-polymer 'ZINC ION'
4 non-polymer 'SULFATE ION'
5 non-polymer GLYCEROL
6 water water
#
_entity_poly.entity_id   1
_entity_poly.type   'polypeptide(L)'
_entity_poly.pdbx_seq_one_letter_code
;HMASMKKKGSVVIVGRINLSGDTAYAQQTRGEEGCQETSQTGRDKNQVEGEVQIVSTATQTFLATSINGVLWTVYHGAGT
RTIASPKGPVTQMYTNVDKDLVGWQAPQGSRSLTPCTCGSSDLYLVTRHADVIPVRRRGDSRGSLLSPRPISYLKGSSGG
PLLCPAGHAVGIFRAAVSTRGVAKAVAFIPVESLETTMR
;
_entity_poly.pdbx_strand_id   A
#
# COMPACT_ATOMS: atom_id res chain seq x y z
N HIS A 1 -29.38 -3.02 17.73
CA HIS A 1 -29.79 -4.37 18.10
C HIS A 1 -29.26 -5.40 17.08
N MET A 2 -29.36 -6.67 17.44
CA MET A 2 -28.68 -7.72 16.68
C MET A 2 -29.16 -7.78 15.24
N ALA A 3 -30.47 -7.66 15.02
CA ALA A 3 -31.00 -7.89 13.69
C ALA A 3 -30.44 -6.89 12.68
N SER A 4 -30.12 -5.69 13.13
CA SER A 4 -29.69 -4.61 12.23
C SER A 4 -28.19 -4.36 12.29
N MET A 5 -27.44 -5.21 12.97
CA MET A 5 -25.99 -5.00 13.04
C MET A 5 -25.41 -5.07 11.63
N LYS A 6 -24.65 -4.04 11.28
CA LYS A 6 -24.09 -3.91 9.95
C LYS A 6 -22.75 -4.63 9.84
N LYS A 7 -22.31 -4.81 8.60
CA LYS A 7 -21.05 -5.44 8.28
C LYS A 7 -20.16 -4.42 7.58
N LYS A 8 -18.88 -4.40 7.94
CA LYS A 8 -17.96 -3.49 7.27
C LYS A 8 -17.66 -4.01 5.88
N GLY A 9 -17.50 -3.09 4.94
CA GLY A 9 -17.24 -3.48 3.57
C GLY A 9 -15.82 -3.97 3.39
N SER A 10 -15.54 -4.44 2.18
CA SER A 10 -14.19 -4.86 1.83
C SER A 10 -13.35 -3.66 1.37
N VAL A 11 -12.04 -3.81 1.52
CA VAL A 11 -11.11 -2.97 0.78
C VAL A 11 -11.30 -3.26 -0.72
N VAL A 12 -11.24 -2.20 -1.54
CA VAL A 12 -11.46 -2.30 -2.98
C VAL A 12 -10.28 -1.68 -3.71
N ILE A 13 -9.74 -2.41 -4.68
CA ILE A 13 -8.73 -1.84 -5.56
C ILE A 13 -9.43 -0.88 -6.52
N VAL A 14 -9.01 0.38 -6.51
CA VAL A 14 -9.61 1.41 -7.37
C VAL A 14 -8.64 1.96 -8.40
N GLY A 15 -7.40 1.50 -8.40
CA GLY A 15 -6.46 1.98 -9.40
C GLY A 15 -5.10 1.37 -9.14
N ARG A 16 -4.10 1.92 -9.82
CA ARG A 16 -2.74 1.45 -9.62
C ARG A 16 -1.76 2.56 -9.92
N ILE A 17 -0.54 2.37 -9.46
CA ILE A 17 0.59 3.21 -9.84
C ILE A 17 1.36 2.48 -10.92
N ASN A 18 1.31 2.99 -12.14
CA ASN A 18 1.93 2.31 -13.27
C ASN A 18 3.42 2.57 -13.27
N LEU A 19 4.20 1.49 -13.12
CA LEU A 19 5.66 1.55 -13.10
C LEU A 19 6.26 0.72 -14.23
N SER A 20 5.49 0.41 -15.27
CA SER A 20 5.93 -0.52 -16.29
C SER A 20 6.90 0.10 -17.29
N GLY A 21 6.87 1.42 -17.45
CA GLY A 21 7.68 2.06 -18.47
C GLY A 21 8.63 3.07 -17.88
N ASP A 22 8.92 4.12 -18.65
CA ASP A 22 9.87 5.15 -18.22
C ASP A 22 9.21 6.24 -17.36
N THR A 23 7.89 6.35 -17.39
CA THR A 23 7.16 7.40 -16.70
C THR A 23 6.16 6.77 -15.74
N ALA A 24 6.26 7.13 -14.47
CA ALA A 24 5.30 6.62 -13.48
C ALA A 24 4.04 7.46 -13.52
N TYR A 25 2.89 6.80 -13.48
CA TYR A 25 1.65 7.56 -13.48
C TYR A 25 0.54 6.73 -12.83
N ALA A 26 -0.34 7.44 -12.14
CA ALA A 26 -1.51 6.84 -11.53
C ALA A 26 -2.58 6.57 -12.57
N GLN A 27 -3.27 5.44 -12.40
CA GLN A 27 -4.41 5.07 -13.23
C GLN A 27 -5.58 4.75 -12.32
N GLN A 28 -6.74 5.29 -12.62
CA GLN A 28 -7.95 4.85 -11.94
C GLN A 28 -8.59 3.73 -12.74
N THR A 29 -9.01 2.67 -12.05
CA THR A 29 -9.71 1.57 -12.70
C THR A 29 -11.14 1.42 -12.22
N ARG A 30 -11.53 2.10 -11.15
CA ARG A 30 -12.91 2.04 -10.68
C ARG A 30 -13.29 3.38 -10.05
N GLY A 31 -14.48 3.86 -10.41
CA GLY A 31 -15.00 5.10 -9.86
C GLY A 31 -15.72 4.88 -8.54
N GLU A 32 -16.18 6.00 -7.96
CA GLU A 32 -16.63 6.00 -6.57
C GLU A 32 -17.86 5.11 -6.37
N GLU A 33 -18.79 5.13 -7.33
CA GLU A 33 -20.01 4.34 -7.19
C GLU A 33 -19.73 2.84 -7.30
N GLY A 34 -18.96 2.46 -8.32
CA GLY A 34 -18.54 1.07 -8.43
C GLY A 34 -17.72 0.62 -7.24
N CYS A 35 -16.94 1.53 -6.66
CA CYS A 35 -16.20 1.20 -5.46
C CYS A 35 -17.16 0.89 -4.31
N GLN A 36 -18.11 1.78 -4.06
CA GLN A 36 -19.09 1.54 -3.00
C GLN A 36 -19.78 0.19 -3.16
N GLU A 37 -20.26 -0.10 -4.37
CA GLU A 37 -20.97 -1.35 -4.63
C GLU A 37 -20.05 -2.56 -4.44
N THR A 38 -18.81 -2.45 -4.92
CA THR A 38 -17.87 -3.55 -4.79
C THR A 38 -17.46 -3.76 -3.34
N SER A 39 -17.40 -2.70 -2.55
CA SER A 39 -17.05 -2.84 -1.14
C SER A 39 -18.13 -3.63 -0.40
N GLN A 40 -19.39 -3.44 -0.77
CA GLN A 40 -20.48 -4.12 -0.08
C GLN A 40 -20.57 -5.60 -0.46
N THR A 41 -20.40 -5.91 -1.74
CA THR A 41 -20.51 -7.30 -2.20
C THR A 41 -19.22 -8.08 -1.99
N GLY A 42 -18.08 -7.40 -1.95
CA GLY A 42 -16.81 -8.08 -1.99
C GLY A 42 -16.46 -8.73 -3.31
N ARG A 43 -17.24 -8.50 -4.36
CA ARG A 43 -17.01 -9.13 -5.66
C ARG A 43 -16.46 -8.08 -6.63
N ASP A 44 -15.18 -8.23 -6.97
CA ASP A 44 -14.49 -7.32 -7.88
C ASP A 44 -14.01 -8.16 -9.06
N LYS A 45 -14.62 -7.97 -10.22
CA LYS A 45 -14.25 -8.72 -11.41
C LYS A 45 -13.25 -7.97 -12.29
N ASN A 46 -12.77 -6.81 -11.87
CA ASN A 46 -11.79 -6.09 -12.69
C ASN A 46 -10.47 -6.85 -12.76
N GLN A 47 -9.80 -6.72 -13.90
CA GLN A 47 -8.47 -7.29 -14.04
C GLN A 47 -7.48 -6.45 -13.24
N VAL A 48 -6.61 -7.13 -12.48
CA VAL A 48 -5.58 -6.48 -11.69
C VAL A 48 -4.26 -6.58 -12.44
N GLU A 49 -3.48 -5.50 -12.41
CA GLU A 49 -2.16 -5.50 -13.00
C GLU A 49 -1.22 -4.72 -12.08
N GLY A 50 0.07 -5.03 -12.15
CA GLY A 50 1.08 -4.20 -11.52
C GLY A 50 1.35 -4.55 -10.07
N GLU A 51 2.32 -3.81 -9.52
CA GLU A 51 2.84 -4.08 -8.18
C GLU A 51 2.21 -3.21 -7.10
N VAL A 52 1.85 -1.97 -7.41
CA VAL A 52 1.34 -1.03 -6.43
C VAL A 52 -0.10 -0.71 -6.78
N GLN A 53 -1.02 -1.06 -5.89
CA GLN A 53 -2.43 -0.77 -6.08
C GLN A 53 -2.84 0.43 -5.25
N ILE A 54 -3.80 1.18 -5.79
CA ILE A 54 -4.55 2.17 -5.02
C ILE A 54 -5.80 1.48 -4.49
N VAL A 55 -6.02 1.56 -3.18
CA VAL A 55 -7.14 0.86 -2.56
C VAL A 55 -7.98 1.85 -1.74
N SER A 56 -9.24 1.48 -1.53
CA SER A 56 -10.14 2.36 -0.81
C SER A 56 -11.10 1.55 0.04
N THR A 57 -11.54 2.18 1.12
CA THR A 57 -12.70 1.73 1.87
C THR A 57 -13.77 2.80 1.70
N ALA A 58 -14.85 2.70 2.47
CA ALA A 58 -15.87 3.73 2.39
C ALA A 58 -15.36 5.08 2.87
N THR A 59 -14.31 5.10 3.69
CA THR A 59 -13.87 6.31 4.36
C THR A 59 -12.42 6.70 4.11
N GLN A 60 -11.61 5.83 3.52
N GLN A 60 -11.62 5.83 3.50
CA GLN A 60 -10.19 6.10 3.36
CA GLN A 60 -10.19 6.11 3.35
C GLN A 60 -9.70 5.58 2.01
C GLN A 60 -9.70 5.58 2.01
N THR A 61 -8.60 6.16 1.54
CA THR A 61 -7.90 5.66 0.37
C THR A 61 -6.41 5.68 0.67
N PHE A 62 -5.70 4.65 0.20
CA PHE A 62 -4.28 4.47 0.48
C PHE A 62 -3.75 3.50 -0.58
N LEU A 63 -2.57 2.95 -0.34
CA LEU A 63 -1.91 2.07 -1.30
C LEU A 63 -1.72 0.67 -0.72
N ALA A 64 -1.45 -0.27 -1.61
CA ALA A 64 -1.10 -1.64 -1.25
C ALA A 64 -0.10 -2.16 -2.26
N THR A 65 0.87 -2.94 -1.78
CA THR A 65 2.05 -3.32 -2.55
C THR A 65 2.24 -4.83 -2.50
N SER A 66 2.40 -5.45 -3.66
N SER A 66 2.41 -5.45 -3.66
CA SER A 66 2.61 -6.90 -3.75
CA SER A 66 2.61 -6.89 -3.74
C SER A 66 4.10 -7.20 -3.60
C SER A 66 4.09 -7.21 -3.61
N ILE A 67 4.44 -8.03 -2.61
CA ILE A 67 5.79 -8.52 -2.41
C ILE A 67 5.71 -10.00 -2.07
N ASN A 68 6.41 -10.84 -2.84
CA ASN A 68 6.47 -12.28 -2.59
C ASN A 68 5.08 -12.93 -2.57
N GLY A 69 4.21 -12.52 -3.48
CA GLY A 69 2.90 -13.15 -3.61
C GLY A 69 1.90 -12.74 -2.55
N VAL A 70 2.17 -11.68 -1.81
CA VAL A 70 1.27 -11.13 -0.81
C VAL A 70 1.06 -9.66 -1.11
N LEU A 71 -0.20 -9.22 -1.10
CA LEU A 71 -0.54 -7.81 -1.21
C LEU A 71 -0.56 -7.22 0.21
N TRP A 72 0.38 -6.33 0.49
CA TRP A 72 0.58 -5.77 1.82
C TRP A 72 0.03 -4.35 1.91
N THR A 73 -0.50 -3.99 3.08
CA THR A 73 -0.86 -2.60 3.35
C THR A 73 -0.80 -2.36 4.86
N VAL A 74 -1.25 -1.16 5.28
CA VAL A 74 -1.20 -0.75 6.68
C VAL A 74 -2.49 -1.10 7.38
N TYR A 75 -2.35 -1.51 8.64
CA TYR A 75 -3.50 -1.78 9.48
C TYR A 75 -4.32 -0.52 9.74
N HIS A 76 -3.67 0.64 9.86
CA HIS A 76 -4.43 1.86 10.13
C HIS A 76 -5.29 2.27 8.93
N GLY A 77 -5.08 1.66 7.78
CA GLY A 77 -5.96 1.86 6.63
C GLY A 77 -7.00 0.77 6.49
N ALA A 78 -6.58 -0.48 6.58
CA ALA A 78 -7.45 -1.62 6.26
C ALA A 78 -8.15 -2.22 7.47
N GLY A 79 -7.66 -1.97 8.68
CA GLY A 79 -8.12 -2.72 9.82
C GLY A 79 -8.05 -4.21 9.52
N THR A 80 -9.07 -4.94 9.95
CA THR A 80 -9.19 -6.37 9.72
C THR A 80 -10.03 -6.71 8.49
N ARG A 81 -10.24 -5.76 7.59
CA ARG A 81 -11.18 -5.93 6.49
C ARG A 81 -10.72 -6.97 5.49
N THR A 82 -11.69 -7.64 4.88
CA THR A 82 -11.44 -8.43 3.69
C THR A 82 -11.12 -7.51 2.52
N ILE A 83 -10.65 -8.11 1.43
CA ILE A 83 -10.46 -7.40 0.16
C ILE A 83 -11.35 -8.04 -0.90
N ALA A 84 -11.94 -7.21 -1.76
CA ALA A 84 -12.79 -7.72 -2.83
C ALA A 84 -11.96 -8.50 -3.84
N SER A 85 -12.59 -9.52 -4.42
CA SER A 85 -11.94 -10.35 -5.43
C SER A 85 -13.02 -10.92 -6.34
N PRO A 86 -12.63 -11.56 -7.44
CA PRO A 86 -13.64 -12.01 -8.42
C PRO A 86 -14.66 -12.97 -7.84
N LYS A 87 -14.29 -13.78 -6.85
CA LYS A 87 -15.20 -14.77 -6.28
C LYS A 87 -15.67 -14.40 -4.88
N GLY A 88 -15.48 -13.15 -4.47
CA GLY A 88 -15.97 -12.67 -3.19
C GLY A 88 -14.86 -12.21 -2.26
N PRO A 89 -15.23 -11.84 -1.04
CA PRO A 89 -14.24 -11.28 -0.11
C PRO A 89 -13.20 -12.29 0.31
N VAL A 90 -11.96 -11.81 0.44
CA VAL A 90 -10.82 -12.63 0.81
C VAL A 90 -10.32 -12.15 2.17
N THR A 91 -10.21 -13.09 3.11
CA THR A 91 -9.78 -12.78 4.46
C THR A 91 -8.27 -12.56 4.49
N GLN A 92 -7.82 -11.62 5.34
CA GLN A 92 -6.39 -11.40 5.50
C GLN A 92 -5.69 -12.69 5.88
N MET A 93 -4.52 -12.91 5.31
CA MET A 93 -3.68 -14.01 5.78
C MET A 93 -2.60 -13.54 6.76
N TYR A 94 -2.35 -12.23 6.84
CA TYR A 94 -1.49 -11.65 7.85
C TYR A 94 -2.15 -10.43 8.46
N THR A 95 -2.05 -10.30 9.79
CA THR A 95 -2.54 -9.14 10.52
C THR A 95 -1.59 -8.91 11.69
N ASN A 96 -1.02 -7.70 11.78
CA ASN A 96 -0.13 -7.39 12.90
C ASN A 96 -0.28 -5.91 13.23
N VAL A 97 -1.13 -5.61 14.21
CA VAL A 97 -1.36 -4.23 14.62
C VAL A 97 -0.09 -3.63 15.21
N ASP A 98 0.80 -4.45 15.78
CA ASP A 98 2.00 -3.91 16.40
C ASP A 98 2.97 -3.35 15.35
N LYS A 99 2.92 -3.88 14.13
CA LYS A 99 3.72 -3.38 13.02
C LYS A 99 2.94 -2.47 12.09
N ASP A 100 1.65 -2.28 12.33
CA ASP A 100 0.77 -1.55 11.42
C ASP A 100 0.71 -2.21 10.05
N LEU A 101 0.61 -3.55 10.03
CA LEU A 101 0.78 -4.34 8.82
C LEU A 101 -0.35 -5.34 8.65
N VAL A 102 -0.86 -5.44 7.43
CA VAL A 102 -1.76 -6.52 7.04
C VAL A 102 -1.38 -7.01 5.65
N GLY A 103 -1.86 -8.20 5.33
CA GLY A 103 -1.61 -8.76 4.02
C GLY A 103 -2.68 -9.75 3.58
N TRP A 104 -2.99 -9.73 2.29
CA TRP A 104 -3.82 -10.73 1.65
C TRP A 104 -3.01 -11.42 0.56
N GLN A 105 -3.44 -12.62 0.18
CA GLN A 105 -2.87 -13.27 -0.98
C GLN A 105 -2.92 -12.30 -2.16
N ALA A 106 -1.86 -12.27 -2.95
CA ALA A 106 -1.79 -11.31 -4.03
C ALA A 106 -2.85 -11.63 -5.09
N PRO A 107 -3.55 -10.63 -5.61
CA PRO A 107 -4.59 -10.91 -6.61
C PRO A 107 -4.02 -11.51 -7.89
N GLN A 108 -4.81 -12.39 -8.49
CA GLN A 108 -4.48 -12.91 -9.82
C GLN A 108 -4.25 -11.74 -10.78
N GLY A 109 -3.11 -11.77 -11.47
CA GLY A 109 -2.77 -10.74 -12.41
C GLY A 109 -1.79 -9.72 -11.88
N SER A 110 -1.71 -9.57 -10.56
CA SER A 110 -0.73 -8.68 -9.98
C SER A 110 0.68 -9.19 -10.28
N ARG A 111 1.64 -8.29 -10.15
CA ARG A 111 3.05 -8.61 -10.17
C ARG A 111 3.64 -8.27 -8.81
N SER A 112 4.63 -9.04 -8.39
CA SER A 112 5.23 -8.88 -7.07
C SER A 112 6.62 -8.28 -7.17
N LEU A 113 6.91 -7.39 -6.23
CA LEU A 113 8.27 -6.92 -6.03
C LEU A 113 9.08 -7.99 -5.31
N THR A 114 10.39 -7.98 -5.55
CA THR A 114 11.35 -8.87 -4.91
C THR A 114 11.96 -8.20 -3.70
N PRO A 115 12.07 -8.89 -2.56
CA PRO A 115 12.69 -8.27 -1.39
C PRO A 115 14.14 -7.92 -1.63
N CYS A 116 14.52 -6.71 -1.20
CA CYS A 116 15.88 -6.22 -1.41
C CYS A 116 16.87 -6.91 -0.50
N THR A 117 18.00 -7.33 -1.07
CA THR A 117 19.13 -7.81 -0.28
C THR A 117 20.38 -7.00 -0.58
N CYS A 118 20.23 -5.81 -1.18
CA CYS A 118 21.38 -5.00 -1.59
C CYS A 118 22.09 -4.35 -0.42
N GLY A 119 21.39 -4.13 0.68
CA GLY A 119 21.98 -3.39 1.78
C GLY A 119 22.26 -1.95 1.47
N SER A 120 21.59 -1.38 0.47
CA SER A 120 21.77 0.01 0.05
C SER A 120 20.90 0.95 0.87
N SER A 121 21.40 2.17 1.08
CA SER A 121 20.66 3.19 1.81
C SER A 121 20.11 4.29 0.91
N ASP A 122 20.24 4.15 -0.40
CA ASP A 122 19.70 5.14 -1.34
C ASP A 122 18.38 4.58 -1.84
N LEU A 123 17.27 5.09 -1.30
CA LEU A 123 15.95 4.54 -1.52
C LEU A 123 15.08 5.51 -2.31
N TYR A 124 13.92 5.00 -2.73
CA TYR A 124 12.95 5.76 -3.51
C TYR A 124 11.56 5.41 -3.03
N LEU A 125 10.79 6.44 -2.67
CA LEU A 125 9.42 6.27 -2.18
C LEU A 125 8.43 6.58 -3.29
N VAL A 126 7.47 5.68 -3.50
CA VAL A 126 6.47 5.84 -4.55
C VAL A 126 5.15 6.25 -3.91
N THR A 127 4.62 7.41 -4.31
CA THR A 127 3.40 7.95 -3.74
C THR A 127 2.18 7.60 -4.61
N ARG A 128 0.99 7.90 -4.06
CA ARG A 128 -0.26 7.64 -4.77
C ARG A 128 -0.44 8.55 -5.98
N HIS A 129 0.36 9.60 -6.09
CA HIS A 129 0.36 10.48 -7.25
C HIS A 129 1.45 10.12 -8.25
N ALA A 130 2.07 8.95 -8.08
CA ALA A 130 3.16 8.45 -8.91
C ALA A 130 4.41 9.32 -8.83
N ASP A 131 4.55 10.09 -7.76
CA ASP A 131 5.83 10.74 -7.47
C ASP A 131 6.81 9.67 -6.97
N VAL A 132 8.06 9.80 -7.41
CA VAL A 132 9.15 8.93 -6.97
C VAL A 132 10.12 9.82 -6.20
N ILE A 133 10.13 9.68 -4.89
CA ILE A 133 10.76 10.62 -3.97
C ILE A 133 12.04 9.99 -3.44
N PRO A 134 13.22 10.54 -3.73
CA PRO A 134 14.45 10.02 -3.12
C PRO A 134 14.43 10.16 -1.60
N VAL A 135 14.83 9.08 -0.93
CA VAL A 135 14.85 8.97 0.52
C VAL A 135 16.15 8.27 0.92
N ARG A 136 16.89 8.89 1.84
CA ARG A 136 18.10 8.31 2.39
C ARG A 136 17.73 7.50 3.63
N ARG A 137 18.06 6.23 3.62
CA ARG A 137 17.80 5.39 4.80
C ARG A 137 18.63 5.88 5.97
N ARG A 138 17.98 6.02 7.13
CA ARG A 138 18.60 6.57 8.33
C ARG A 138 18.57 5.62 9.51
N GLY A 139 17.92 4.47 9.36
CA GLY A 139 17.86 3.49 10.42
C GLY A 139 17.09 2.28 9.94
N ASP A 140 16.75 1.39 10.86
CA ASP A 140 16.05 0.18 10.45
C ASP A 140 14.69 0.50 9.85
N SER A 141 14.00 1.53 10.34
CA SER A 141 12.63 1.80 9.91
C SER A 141 12.40 3.27 9.57
N ARG A 142 13.45 4.04 9.30
CA ARG A 142 13.35 5.48 9.03
C ARG A 142 14.21 5.87 7.83
N GLY A 143 13.74 6.88 7.11
CA GLY A 143 14.51 7.50 6.05
C GLY A 143 14.16 8.96 5.95
N SER A 144 15.11 9.77 5.47
CA SER A 144 14.90 11.20 5.31
C SER A 144 14.63 11.55 3.86
N LEU A 145 13.71 12.48 3.63
CA LEU A 145 13.50 12.98 2.28
C LEU A 145 14.66 13.89 1.89
N LEU A 146 15.21 13.67 0.70
CA LEU A 146 16.23 14.59 0.20
C LEU A 146 15.65 15.97 -0.03
N SER A 147 14.38 16.04 -0.42
CA SER A 147 13.67 17.31 -0.61
C SER A 147 12.39 17.25 0.22
N PRO A 148 12.40 17.77 1.45
CA PRO A 148 11.19 17.73 2.27
C PRO A 148 9.99 18.34 1.56
N ARG A 149 8.81 17.89 1.96
CA ARG A 149 7.56 18.25 1.31
C ARG A 149 6.47 18.34 2.37
N PRO A 150 5.49 19.23 2.21
CA PRO A 150 4.37 19.24 3.15
C PRO A 150 3.72 17.86 3.23
N ILE A 151 3.22 17.52 4.42
CA ILE A 151 2.62 16.21 4.63
C ILE A 151 1.44 15.98 3.71
N SER A 152 0.81 17.06 3.23
CA SER A 152 -0.28 16.95 2.26
C SER A 152 0.10 16.10 1.06
N TYR A 153 1.37 16.14 0.67
CA TYR A 153 1.82 15.44 -0.54
C TYR A 153 2.00 13.95 -0.30
N LEU A 154 2.17 13.53 0.95
CA LEU A 154 2.33 12.13 1.30
C LEU A 154 1.04 11.48 1.80
N LYS A 155 0.06 12.28 2.21
CA LYS A 155 -1.19 11.73 2.71
C LYS A 155 -1.82 10.82 1.67
N GLY A 156 -2.25 9.64 2.10
CA GLY A 156 -2.85 8.66 1.22
C GLY A 156 -1.87 7.73 0.55
N SER A 157 -0.58 7.80 0.89
CA SER A 157 0.42 6.94 0.30
C SER A 157 0.89 5.83 1.24
N SER A 158 0.36 5.76 2.46
CA SER A 158 0.70 4.63 3.31
C SER A 158 0.35 3.33 2.58
N GLY A 159 1.19 2.32 2.78
CA GLY A 159 1.07 1.07 2.07
C GLY A 159 1.87 1.01 0.78
N GLY A 160 2.42 2.13 0.32
CA GLY A 160 3.26 2.14 -0.85
C GLY A 160 4.67 1.69 -0.52
N PRO A 161 5.47 1.45 -1.57
CA PRO A 161 6.81 0.91 -1.38
C PRO A 161 7.90 1.97 -1.26
N LEU A 162 8.92 1.61 -0.46
CA LEU A 162 10.25 2.16 -0.62
C LEU A 162 11.07 1.14 -1.39
N LEU A 163 11.75 1.59 -2.44
CA LEU A 163 12.52 0.73 -3.32
C LEU A 163 13.99 1.09 -3.27
N CYS A 164 14.85 0.13 -3.59
CA CYS A 164 16.28 0.36 -3.73
C CYS A 164 16.58 0.82 -5.16
N PRO A 165 17.85 1.17 -5.46
CA PRO A 165 18.13 1.63 -6.83
C PRO A 165 17.74 0.62 -7.88
N ALA A 166 17.81 -0.68 -7.54
CA ALA A 166 17.51 -1.75 -8.48
C ALA A 166 16.03 -2.11 -8.52
N GLY A 167 15.18 -1.36 -7.83
CA GLY A 167 13.76 -1.62 -7.89
C GLY A 167 13.28 -2.74 -6.99
N HIS A 168 14.10 -3.19 -6.05
CA HIS A 168 13.66 -4.17 -5.06
C HIS A 168 12.87 -3.48 -3.95
N ALA A 169 12.03 -4.25 -3.27
CA ALA A 169 11.25 -3.74 -2.15
C ALA A 169 12.10 -3.68 -0.88
N VAL A 170 12.22 -2.48 -0.31
CA VAL A 170 12.94 -2.30 0.93
C VAL A 170 12.00 -2.13 2.12
N GLY A 171 10.80 -1.60 1.92
CA GLY A 171 9.84 -1.48 3.01
C GLY A 171 8.51 -0.97 2.52
N ILE A 172 7.57 -0.90 3.46
CA ILE A 172 6.22 -0.39 3.23
C ILE A 172 6.07 0.91 4.03
N PHE A 173 5.72 2.00 3.32
CA PHE A 173 5.53 3.31 3.93
C PHE A 173 4.41 3.26 4.96
N ARG A 174 4.72 3.71 6.18
CA ARG A 174 3.81 3.61 7.31
C ARG A 174 3.37 4.97 7.85
N ALA A 175 4.30 5.90 8.04
CA ALA A 175 3.97 7.15 8.70
C ALA A 175 4.98 8.22 8.31
N ALA A 176 4.55 9.48 8.43
CA ALA A 176 5.40 10.62 8.15
C ALA A 176 5.83 11.27 9.45
N VAL A 177 7.07 11.75 9.48
CA VAL A 177 7.60 12.48 10.62
C VAL A 177 7.51 13.95 10.24
N SER A 178 6.64 14.68 10.96
CA SER A 178 6.19 16.00 10.57
C SER A 178 6.69 17.05 11.55
N THR A 179 7.33 18.10 11.03
CA THR A 179 7.70 19.27 11.82
C THR A 179 7.04 20.48 11.19
N ARG A 180 6.09 21.08 11.91
CA ARG A 180 5.33 22.23 11.41
C ARG A 180 4.75 21.93 10.04
N GLY A 181 4.24 20.71 9.88
CA GLY A 181 3.54 20.34 8.67
C GLY A 181 4.42 19.86 7.53
N VAL A 182 5.75 19.88 7.69
CA VAL A 182 6.66 19.47 6.63
C VAL A 182 7.18 18.08 6.95
N ALA A 183 7.09 17.17 5.97
CA ALA A 183 7.63 15.82 6.12
C ALA A 183 9.12 15.87 5.81
N LYS A 184 9.94 15.76 6.84
CA LYS A 184 11.38 15.63 6.65
C LYS A 184 11.85 14.19 6.64
N ALA A 185 11.04 13.28 7.19
CA ALA A 185 11.43 11.89 7.30
C ALA A 185 10.17 11.04 7.25
N VAL A 186 10.37 9.77 6.90
CA VAL A 186 9.27 8.81 6.86
C VAL A 186 9.66 7.60 7.69
N ALA A 187 8.64 6.90 8.19
CA ALA A 187 8.81 5.60 8.83
C ALA A 187 8.20 4.55 7.93
N PHE A 188 8.84 3.38 7.88
CA PHE A 188 8.35 2.29 7.05
C PHE A 188 8.52 0.95 7.77
N ILE A 189 7.76 -0.02 7.30
CA ILE A 189 7.88 -1.40 7.75
C ILE A 189 8.98 -2.07 6.92
N PRO A 190 10.11 -2.46 7.52
CA PRO A 190 11.18 -3.08 6.73
C PRO A 190 10.72 -4.38 6.10
N VAL A 191 11.21 -4.63 4.88
CA VAL A 191 10.84 -5.86 4.19
C VAL A 191 11.25 -7.09 4.98
N GLU A 192 12.33 -6.99 5.77
CA GLU A 192 12.69 -8.12 6.62
C GLU A 192 11.57 -8.46 7.58
N SER A 193 10.87 -7.43 8.06
CA SER A 193 9.77 -7.64 8.98
C SER A 193 8.61 -8.36 8.29
N LEU A 194 8.35 -8.03 7.01
CA LEU A 194 7.38 -8.79 6.23
C LEU A 194 7.82 -10.25 6.09
N GLU A 195 9.10 -10.47 5.77
CA GLU A 195 9.58 -11.82 5.54
C GLU A 195 9.49 -12.67 6.81
N THR A 196 9.72 -12.07 7.97
CA THR A 196 9.53 -12.80 9.22
C THR A 196 8.06 -13.12 9.44
N THR A 197 7.16 -12.18 9.12
CA THR A 197 5.73 -12.42 9.28
C THR A 197 5.26 -13.57 8.41
N MET A 198 5.87 -13.75 7.24
CA MET A 198 5.46 -14.79 6.27
C MET A 198 5.82 -16.21 6.71
#